data_3O1E
#
_entry.id   3O1E
#
_cell.length_a   65.842
_cell.length_b   65.842
_cell.length_c   263.718
_cell.angle_alpha   90.00
_cell.angle_beta   90.00
_cell.angle_gamma   120.00
#
_symmetry.space_group_name_H-M   'P 65 2 2'
#
loop_
_entity.id
_entity.type
_entity.pdbx_description
1 polymer 'Vitamin D3 receptor A'
2 polymer 'Nuclear receptor coactivator 2'
3 non-polymer '(1R,3R,7E,17beta)-17-[(1R)-6,6,6-trifluoro-5-hydroxy-1-(4-hydroxy-4-methylpentyl)-5-(trifluoromethyl)hex-3-yn-1-yl]-9,1 0-secoestra-5,7-diene-1,3-diol'
4 water water
#
loop_
_entity_poly.entity_id
_entity_poly.type
_entity_poly.pdbx_seq_one_letter_code
_entity_poly.pdbx_strand_id
1 'polypeptide(L)'
;GSHMLSDEQMQIINSLVEAHHKTYDDSYSDFVRFRPPVREGPVTRSASRAASLHSLSDASSDSFNHSPESVDTKLNFSNL
LMMYQDSGSPDSSEEDQQSRLSMLPHLADLVSYSIQKVIGFAKMIPGFRDLTAEDQIALLKSSAIEIIMLRSNQSFSLED
MSWSCGGPDFKYCINDVTKAGHTLELLEPLVKFQVGLKKLKLHEEEHVLLMAICLLSPDRPGVQDHVRIEALQDRLCDVL
QAYIRIQHPGGRLLYAKMIQKLADLRSLNEEHSKQYRSLSFQPEHSMQLTPLVLEVFGSEVS
;
A
2 'polypeptide(L)' KHKILHRLLQDSS B
#
# COMPACT_ATOMS: atom_id res chain seq x y z
N HIS A 3 2.34 13.97 -27.34
CA HIS A 3 3.39 13.08 -27.82
C HIS A 3 4.66 13.18 -26.99
N MET A 4 4.77 14.24 -26.20
CA MET A 4 5.79 14.28 -25.15
C MET A 4 5.20 14.86 -23.88
N LEU A 5 5.54 14.22 -22.76
CA LEU A 5 5.07 14.64 -21.45
C LEU A 5 5.52 16.08 -21.16
N SER A 6 4.68 16.82 -20.44
CA SER A 6 4.98 18.20 -20.12
C SER A 6 5.81 18.33 -18.85
N ASP A 7 6.60 19.40 -18.79
CA ASP A 7 7.40 19.72 -17.63
C ASP A 7 6.75 19.40 -16.28
N GLU A 8 5.47 19.72 -16.13
CA GLU A 8 4.81 19.48 -14.85
C GLU A 8 4.49 18.01 -14.61
N GLN A 9 4.14 17.32 -15.69
CA GLN A 9 3.93 15.88 -15.63
C GLN A 9 5.22 15.17 -15.24
N MET A 10 6.34 15.81 -15.58
CA MET A 10 7.66 15.25 -15.27
C MET A 10 8.10 15.59 -13.85
N GLN A 11 7.68 16.75 -13.36
CA GLN A 11 7.97 17.13 -12.00
C GLN A 11 7.25 16.15 -11.09
N ILE A 12 6.01 15.84 -11.44
CA ILE A 12 5.16 14.91 -10.70
C ILE A 12 5.80 13.51 -10.59
N ILE A 13 6.17 12.94 -11.72
CA ILE A 13 6.88 11.68 -11.75
C ILE A 13 8.15 11.73 -10.92
N ASN A 14 8.98 12.74 -11.13
CA ASN A 14 10.20 12.87 -10.37
C ASN A 14 9.92 12.86 -8.89
N SER A 15 8.90 13.60 -8.49
CA SER A 15 8.54 13.75 -7.09
C SER A 15 8.11 12.44 -6.46
N LEU A 16 7.27 11.70 -7.18
CA LEU A 16 6.78 10.45 -6.65
C LEU A 16 7.92 9.43 -6.57
N VAL A 17 8.73 9.34 -7.62
CA VAL A 17 9.81 8.35 -7.61
C VAL A 17 10.70 8.50 -6.38
N GLU A 18 11.08 9.73 -6.09
CA GLU A 18 11.99 10.03 -5.01
C GLU A 18 11.33 9.68 -3.68
N ALA A 19 10.09 10.11 -3.53
CA ALA A 19 9.32 9.86 -2.33
C ALA A 19 9.34 8.38 -2.01
N HIS A 20 9.31 7.57 -3.07
CA HIS A 20 9.28 6.12 -2.89
C HIS A 20 10.66 5.57 -2.57
N HIS A 21 11.70 6.13 -3.17
CA HIS A 21 13.06 5.74 -2.80
C HIS A 21 13.29 6.11 -1.34
N LYS A 22 12.75 7.26 -0.95
CA LYS A 22 12.98 7.83 0.36
C LYS A 22 12.18 7.07 1.42
N THR A 23 11.26 6.22 0.99
CA THR A 23 10.41 5.50 1.91
C THR A 23 10.30 4.01 1.65
N TYR A 24 11.11 3.47 0.74
CA TYR A 24 11.11 2.03 0.51
C TYR A 24 12.53 1.53 0.57
N ASP A 25 12.89 0.96 1.71
CA ASP A 25 14.26 0.54 1.91
C ASP A 25 14.52 -0.75 1.17
N ASP A 26 15.25 -0.64 0.07
CA ASP A 26 15.61 -1.80 -0.73
C ASP A 26 16.41 -2.85 0.05
N SER A 27 17.11 -2.44 1.11
CA SER A 27 17.89 -3.42 1.88
C SER A 27 17.05 -4.15 2.91
N TYR A 28 15.87 -3.61 3.21
CA TYR A 28 15.01 -4.18 4.26
C TYR A 28 15.81 -4.33 5.55
N SER A 29 16.71 -3.40 5.81
CA SER A 29 17.59 -3.54 6.96
C SER A 29 16.86 -3.32 8.28
N ASP A 30 15.76 -2.58 8.25
CA ASP A 30 14.96 -2.36 9.46
C ASP A 30 14.25 -3.63 9.92
N PHE A 31 14.22 -4.68 9.08
CA PHE A 31 13.48 -5.87 9.47
C PHE A 31 14.05 -6.62 10.69
N VAL A 32 15.26 -6.28 11.12
CA VAL A 32 15.82 -6.93 12.31
C VAL A 32 15.32 -6.24 13.57
N ARG A 33 14.65 -5.12 13.41
CA ARG A 33 14.08 -4.48 14.56
C ARG A 33 12.64 -4.93 14.86
N PHE A 34 12.09 -5.80 14.00
CA PHE A 34 10.77 -6.36 14.28
C PHE A 34 10.88 -7.49 15.28
N ARG A 35 9.80 -7.74 16.01
CA ARG A 35 9.72 -8.96 16.76
C ARG A 35 9.97 -10.08 15.77
N PRO A 36 10.89 -10.98 16.09
CA PRO A 36 11.33 -11.95 15.09
C PRO A 36 10.19 -12.83 14.62
N PRO A 37 10.33 -13.37 13.42
CA PRO A 37 9.40 -14.37 12.89
C PRO A 37 9.56 -15.68 13.62
N VAL A 38 8.46 -16.37 13.88
CA VAL A 38 8.55 -17.76 14.34
C VAL A 38 7.57 -18.60 13.51
N ARG A 39 8.14 -19.55 12.78
CA ARG A 39 7.42 -20.25 11.71
C ARG A 39 7.04 -21.66 12.15
N LEU A 101 -0.60 -18.68 16.14
CA LEU A 101 -0.42 -17.35 15.55
C LEU A 101 0.99 -16.82 15.75
N SER A 102 1.97 -17.69 15.50
CA SER A 102 3.36 -17.42 15.81
C SER A 102 4.02 -16.38 14.90
N MET A 103 3.42 -16.12 13.74
CA MET A 103 3.97 -15.09 12.85
C MET A 103 3.33 -13.73 13.07
N LEU A 104 2.22 -13.70 13.81
CA LEU A 104 1.51 -12.45 14.11
C LEU A 104 2.35 -11.33 14.73
N PRO A 105 3.28 -11.66 15.64
CA PRO A 105 4.01 -10.48 16.14
C PRO A 105 4.89 -9.85 15.07
N HIS A 106 5.59 -10.67 14.31
CA HIS A 106 6.48 -10.15 13.28
C HIS A 106 5.71 -9.40 12.17
N LEU A 107 4.60 -9.98 11.69
CA LEU A 107 3.90 -9.39 10.55
C LEU A 107 3.26 -8.12 10.97
N ALA A 108 2.75 -8.12 12.19
CA ALA A 108 2.17 -6.93 12.79
C ALA A 108 3.18 -5.79 12.79
N ASP A 109 4.41 -6.08 13.26
CA ASP A 109 5.51 -5.10 13.17
C ASP A 109 5.82 -4.72 11.71
N LEU A 110 5.72 -5.67 10.80
CA LEU A 110 6.04 -5.40 9.41
C LEU A 110 4.99 -4.45 8.87
N VAL A 111 3.74 -4.75 9.19
CA VAL A 111 2.63 -3.93 8.74
C VAL A 111 2.66 -2.54 9.37
N SER A 112 3.12 -2.44 10.62
CA SER A 112 3.11 -1.17 11.33
C SER A 112 4.14 -0.25 10.72
N TYR A 113 5.31 -0.84 10.54
CA TYR A 113 6.41 -0.21 9.88
C TYR A 113 5.94 0.24 8.52
N SER A 114 5.27 -0.65 7.80
CA SER A 114 4.91 -0.31 6.42
C SER A 114 3.93 0.85 6.38
N ILE A 115 2.97 0.85 7.30
CA ILE A 115 2.08 1.98 7.42
C ILE A 115 2.90 3.27 7.58
N GLN A 116 4.01 3.18 8.30
CA GLN A 116 4.83 4.35 8.53
C GLN A 116 5.44 4.87 7.25
N LYS A 117 5.99 3.97 6.46
CA LYS A 117 6.51 4.34 5.15
C LYS A 117 5.42 4.97 4.27
N VAL A 118 4.29 4.28 4.17
CA VAL A 118 3.16 4.71 3.36
C VAL A 118 2.72 6.14 3.70
N ILE A 119 2.64 6.42 5.00
CA ILE A 119 2.35 7.75 5.51
C ILE A 119 3.37 8.76 5.01
N GLY A 120 4.64 8.39 5.09
CA GLY A 120 5.73 9.23 4.65
C GLY A 120 5.66 9.47 3.15
N PHE A 121 5.40 8.40 2.41
CA PHE A 121 5.20 8.50 0.97
C PHE A 121 4.06 9.48 0.66
N ALA A 122 2.93 9.29 1.33
CA ALA A 122 1.74 10.06 1.06
C ALA A 122 2.02 11.53 1.21
N LYS A 123 2.69 11.87 2.31
CA LYS A 123 2.93 13.26 2.65
C LYS A 123 3.61 13.95 1.50
N MET A 124 4.27 13.16 0.66
CA MET A 124 5.08 13.69 -0.43
C MET A 124 4.38 13.65 -1.78
N ILE A 125 3.18 13.10 -1.81
CA ILE A 125 2.35 13.15 -2.99
C ILE A 125 1.94 14.59 -3.18
N PRO A 126 2.01 15.09 -4.43
CA PRO A 126 1.67 16.47 -4.79
C PRO A 126 0.27 16.82 -4.32
N GLY A 127 0.17 17.77 -3.40
CA GLY A 127 -1.13 18.23 -2.92
C GLY A 127 -1.82 17.31 -1.93
N PHE A 128 -1.10 16.33 -1.40
CA PHE A 128 -1.66 15.52 -0.32
C PHE A 128 -1.67 16.33 0.96
N ARG A 129 -0.62 17.13 1.17
CA ARG A 129 -0.52 17.91 2.39
C ARG A 129 -1.49 19.09 2.45
N ASP A 130 -1.98 19.53 1.30
CA ASP A 130 -2.89 20.67 1.29
C ASP A 130 -4.30 20.26 1.62
N LEU A 131 -4.51 18.95 1.72
CA LEU A 131 -5.78 18.43 2.16
C LEU A 131 -5.90 18.64 3.66
N THR A 132 -7.11 18.56 4.17
CA THR A 132 -7.33 18.65 5.61
C THR A 132 -6.72 17.43 6.30
N ALA A 133 -6.36 17.62 7.56
CA ALA A 133 -5.86 16.53 8.35
C ALA A 133 -6.87 15.40 8.26
N GLU A 134 -8.15 15.78 8.30
CA GLU A 134 -9.22 14.81 8.36
C GLU A 134 -9.24 13.94 7.13
N ASP A 135 -9.12 14.56 5.97
CA ASP A 135 -9.09 13.81 4.71
C ASP A 135 -7.79 13.01 4.54
N GLN A 136 -6.66 13.56 4.97
CA GLN A 136 -5.45 12.77 4.97
C GLN A 136 -5.67 11.48 5.72
N ILE A 137 -6.30 11.59 6.88
CA ILE A 137 -6.53 10.43 7.75
C ILE A 137 -7.51 9.48 7.09
N ALA A 138 -8.59 10.05 6.57
CA ALA A 138 -9.60 9.25 5.88
C ALA A 138 -8.99 8.51 4.69
N LEU A 139 -8.11 9.17 3.95
CA LEU A 139 -7.50 8.53 2.79
C LEU A 139 -6.51 7.46 3.23
N LEU A 140 -5.67 7.80 4.20
CA LEU A 140 -4.68 6.86 4.71
C LEU A 140 -5.30 5.60 5.34
N LYS A 141 -6.34 5.79 6.15
CA LYS A 141 -6.94 4.66 6.87
C LYS A 141 -7.56 3.64 5.92
N SER A 142 -8.31 4.13 4.95
CA SER A 142 -8.95 3.29 3.96
C SER A 142 -8.00 2.74 2.90
N SER A 143 -6.94 3.47 2.57
CA SER A 143 -6.04 3.00 1.51
C SER A 143 -4.77 2.29 1.98
N ALA A 144 -4.44 2.42 3.25
CA ALA A 144 -3.18 1.89 3.79
C ALA A 144 -2.88 0.46 3.35
N ILE A 145 -3.81 -0.45 3.65
CA ILE A 145 -3.59 -1.86 3.38
C ILE A 145 -3.42 -2.07 1.87
N GLU A 146 -4.05 -1.23 1.06
CA GLU A 146 -3.92 -1.38 -0.39
C GLU A 146 -2.54 -0.93 -0.84
N ILE A 147 -2.09 0.20 -0.33
CA ILE A 147 -0.75 0.67 -0.66
C ILE A 147 0.26 -0.38 -0.25
N ILE A 148 0.03 -0.97 0.93
CA ILE A 148 0.98 -1.92 1.46
C ILE A 148 1.08 -3.15 0.55
N MET A 149 -0.07 -3.76 0.29
CA MET A 149 -0.17 -4.78 -0.76
C MET A 149 0.52 -4.39 -2.08
N LEU A 150 0.36 -3.14 -2.53
CA LEU A 150 0.96 -2.76 -3.82
C LEU A 150 2.46 -2.77 -3.67
N ARG A 151 2.94 -2.09 -2.63
CA ARG A 151 4.38 -1.86 -2.47
C ARG A 151 5.12 -3.16 -2.22
N SER A 152 4.44 -4.10 -1.58
CA SER A 152 5.04 -5.38 -1.26
C SER A 152 5.39 -6.13 -2.54
N ASN A 153 4.81 -5.69 -3.67
CA ASN A 153 5.08 -6.35 -4.94
C ASN A 153 6.56 -6.31 -5.36
N GLN A 154 7.22 -5.22 -4.98
CA GLN A 154 8.66 -5.07 -5.12
C GLN A 154 9.47 -6.20 -4.44
N SER A 155 8.96 -6.79 -3.37
CA SER A 155 9.68 -7.89 -2.73
C SER A 155 9.12 -9.25 -3.14
N PHE A 156 7.98 -9.24 -3.83
CA PHE A 156 7.38 -10.50 -4.27
C PHE A 156 8.18 -11.15 -5.40
N SER A 157 8.29 -12.48 -5.35
CA SER A 157 9.06 -13.20 -6.35
C SER A 157 8.24 -14.28 -7.01
N LEU A 158 8.31 -14.30 -8.34
CA LEU A 158 7.54 -15.24 -9.13
C LEU A 158 8.15 -16.62 -9.02
N GLU A 159 9.48 -16.66 -9.01
CA GLU A 159 10.18 -17.94 -8.97
C GLU A 159 9.73 -18.82 -7.79
N ASP A 160 9.51 -18.22 -6.63
CA ASP A 160 9.12 -19.01 -5.46
C ASP A 160 7.85 -18.55 -4.73
N MET A 161 7.07 -17.69 -5.38
CA MET A 161 5.77 -17.24 -4.85
C MET A 161 5.87 -16.86 -3.38
N SER A 162 6.62 -15.80 -3.12
CA SER A 162 6.95 -15.45 -1.77
C SER A 162 7.52 -14.04 -1.80
N TRP A 163 7.27 -13.28 -0.74
CA TRP A 163 7.91 -11.98 -0.59
C TRP A 163 9.22 -12.23 0.12
N SER A 164 10.29 -11.65 -0.42
CA SER A 164 11.63 -11.99 0.02
C SER A 164 12.38 -10.74 0.45
N CYS A 165 12.65 -10.60 1.74
CA CYS A 165 13.13 -9.31 2.22
C CYS A 165 14.56 -9.29 2.75
N GLY A 166 15.49 -9.62 1.87
CA GLY A 166 16.91 -9.48 2.15
C GLY A 166 17.38 -10.42 3.23
N GLY A 167 17.16 -11.72 3.01
CA GLY A 167 17.47 -12.73 4.01
C GLY A 167 16.30 -13.67 4.19
N PRO A 168 16.59 -14.94 4.54
CA PRO A 168 15.61 -16.02 4.66
C PRO A 168 14.81 -15.99 5.98
N ASP A 169 15.26 -15.19 6.94
CA ASP A 169 14.42 -14.93 8.09
C ASP A 169 13.29 -14.02 7.65
N PHE A 170 13.42 -13.48 6.44
CA PHE A 170 12.50 -12.47 5.99
C PHE A 170 11.91 -12.83 4.63
N LYS A 171 11.74 -14.14 4.46
CA LYS A 171 11.07 -14.70 3.31
C LYS A 171 9.68 -15.10 3.77
N TYR A 172 8.66 -14.41 3.28
CA TYR A 172 7.31 -14.76 3.64
C TYR A 172 6.67 -15.59 2.54
N CYS A 173 6.40 -16.84 2.88
CA CYS A 173 5.68 -17.72 1.99
C CYS A 173 4.28 -17.91 2.55
N ILE A 174 3.43 -18.58 1.80
CA ILE A 174 2.01 -18.60 2.12
C ILE A 174 1.69 -19.30 3.45
N ASN A 175 2.53 -20.24 3.85
CA ASN A 175 2.32 -20.91 5.14
C ASN A 175 2.74 -19.98 6.27
N ASP A 176 3.89 -19.33 6.11
CA ASP A 176 4.31 -18.26 7.01
C ASP A 176 3.11 -17.44 7.45
N VAL A 177 2.22 -17.16 6.51
CA VAL A 177 1.16 -16.19 6.71
C VAL A 177 -0.11 -16.74 7.36
N THR A 178 -0.45 -17.98 7.06
CA THR A 178 -1.57 -18.62 7.74
C THR A 178 -1.34 -18.59 9.25
N LYS A 179 -0.08 -18.39 9.62
CA LYS A 179 0.35 -18.44 11.00
C LYS A 179 0.22 -17.06 11.68
N ALA A 180 -0.48 -16.15 11.00
CA ALA A 180 -0.85 -14.87 11.57
C ALA A 180 -2.37 -14.71 11.64
N GLY A 181 -3.10 -15.81 11.43
CA GLY A 181 -4.53 -15.83 11.68
C GLY A 181 -5.45 -15.81 10.48
N HIS A 182 -4.87 -15.88 9.29
CA HIS A 182 -5.68 -15.83 8.07
C HIS A 182 -5.88 -17.22 7.47
N THR A 183 -6.95 -17.37 6.69
CA THR A 183 -7.22 -18.62 6.00
C THR A 183 -6.33 -18.75 4.78
N LEU A 184 -5.79 -19.94 4.54
CA LEU A 184 -4.90 -20.15 3.42
C LEU A 184 -5.60 -19.88 2.10
N GLU A 185 -6.91 -19.62 2.18
CA GLU A 185 -7.71 -19.48 0.98
C GLU A 185 -8.34 -18.12 0.81
N LEU A 186 -8.17 -17.25 1.81
CA LEU A 186 -8.52 -15.85 1.64
C LEU A 186 -7.24 -15.09 1.40
N LEU A 187 -6.19 -15.88 1.17
CA LEU A 187 -4.86 -15.38 0.84
C LEU A 187 -4.61 -15.65 -0.62
N GLU A 188 -5.37 -16.58 -1.17
CA GLU A 188 -5.28 -16.92 -2.58
C GLU A 188 -5.33 -15.64 -3.41
N PRO A 189 -6.41 -14.86 -3.25
CA PRO A 189 -6.53 -13.63 -4.04
C PRO A 189 -5.30 -12.72 -3.93
N LEU A 190 -4.68 -12.67 -2.75
CA LEU A 190 -3.56 -11.77 -2.57
C LEU A 190 -2.32 -12.23 -3.35
N VAL A 191 -2.06 -13.54 -3.30
CA VAL A 191 -0.95 -14.08 -4.04
C VAL A 191 -1.25 -13.93 -5.52
N LYS A 192 -2.44 -14.35 -5.91
CA LYS A 192 -2.90 -14.29 -7.29
C LYS A 192 -2.79 -12.87 -7.84
N PHE A 193 -2.99 -11.89 -6.96
CA PHE A 193 -2.91 -10.48 -7.32
C PHE A 193 -1.45 -10.04 -7.49
N GLN A 194 -0.60 -10.36 -6.52
CA GLN A 194 0.83 -10.08 -6.64
C GLN A 194 1.39 -10.67 -7.95
N VAL A 195 0.95 -11.86 -8.31
CA VAL A 195 1.46 -12.52 -9.52
C VAL A 195 1.05 -11.80 -10.80
N GLY A 196 -0.21 -11.38 -10.88
CA GLY A 196 -0.67 -10.59 -12.01
C GLY A 196 0.06 -9.27 -12.10
N LEU A 197 0.11 -8.57 -10.98
CA LEU A 197 0.80 -7.28 -10.87
C LEU A 197 2.24 -7.40 -11.32
N LYS A 198 2.85 -8.49 -10.92
CA LYS A 198 4.23 -8.76 -11.25
C LYS A 198 4.34 -8.93 -12.76
N LYS A 199 3.41 -9.70 -13.33
CA LYS A 199 3.43 -9.98 -14.77
C LYS A 199 3.40 -8.72 -15.64
N LEU A 200 2.83 -7.64 -15.09
CA LEU A 200 2.75 -6.37 -15.82
C LEU A 200 4.07 -5.62 -15.86
N LYS A 201 5.11 -6.17 -15.25
CA LYS A 201 6.46 -5.58 -15.31
C LYS A 201 6.44 -4.04 -15.33
N LEU A 202 5.62 -3.46 -14.46
CA LEU A 202 5.58 -2.02 -14.25
C LEU A 202 6.95 -1.33 -14.17
N HIS A 203 7.03 -0.16 -14.78
CA HIS A 203 8.18 0.72 -14.62
C HIS A 203 8.10 1.32 -13.23
N GLU A 204 9.23 1.67 -12.65
CA GLU A 204 9.19 2.27 -11.32
C GLU A 204 8.19 3.43 -11.38
N GLU A 205 8.28 4.20 -12.46
CA GLU A 205 7.38 5.35 -12.67
C GLU A 205 5.91 4.97 -12.52
N GLU A 206 5.54 3.81 -13.04
CA GLU A 206 4.14 3.41 -13.11
C GLU A 206 3.70 2.76 -11.81
N HIS A 207 4.62 2.03 -11.19
CA HIS A 207 4.39 1.41 -9.89
C HIS A 207 4.07 2.50 -8.89
N VAL A 208 4.94 3.48 -8.88
CA VAL A 208 4.86 4.63 -8.00
C VAL A 208 3.60 5.44 -8.28
N LEU A 209 3.24 5.56 -9.56
CA LEU A 209 2.07 6.32 -9.95
C LEU A 209 0.81 5.61 -9.49
N LEU A 210 0.82 4.29 -9.59
CA LEU A 210 -0.36 3.53 -9.23
C LEU A 210 -0.64 3.70 -7.74
N MET A 211 0.43 3.81 -6.94
CA MET A 211 0.26 3.87 -5.49
C MET A 211 -0.34 5.21 -5.12
N ALA A 212 0.11 6.26 -5.80
CA ALA A 212 -0.38 7.58 -5.49
C ALA A 212 -1.83 7.70 -5.98
N ILE A 213 -2.15 7.08 -7.12
CA ILE A 213 -3.53 7.04 -7.56
C ILE A 213 -4.41 6.27 -6.58
N CYS A 214 -3.94 5.13 -6.10
CA CYS A 214 -4.66 4.40 -5.08
C CYS A 214 -5.01 5.31 -3.90
N LEU A 215 -3.98 5.89 -3.31
CA LEU A 215 -4.12 6.70 -2.11
C LEU A 215 -5.16 7.77 -2.32
N LEU A 216 -5.14 8.34 -3.52
CA LEU A 216 -5.96 9.49 -3.81
C LEU A 216 -7.31 9.13 -4.41
N SER A 217 -7.77 7.91 -4.13
CA SER A 217 -9.13 7.54 -4.44
C SER A 217 -10.06 8.34 -3.55
N PRO A 218 -11.05 9.03 -4.13
CA PRO A 218 -12.01 9.83 -3.36
C PRO A 218 -13.22 8.99 -2.89
N ASP A 219 -13.45 7.88 -3.59
CA ASP A 219 -14.42 6.88 -3.19
C ASP A 219 -13.95 6.06 -1.98
N ARG A 220 -13.78 6.73 -0.84
CA ARG A 220 -13.50 6.05 0.41
C ARG A 220 -14.43 6.56 1.51
N PRO A 221 -14.71 5.72 2.50
CA PRO A 221 -15.46 6.22 3.68
C PRO A 221 -14.72 7.36 4.37
N GLY A 222 -15.44 8.45 4.65
CA GLY A 222 -14.91 9.52 5.48
C GLY A 222 -14.31 10.71 4.77
N VAL A 223 -14.17 10.65 3.45
CA VAL A 223 -13.52 11.75 2.76
C VAL A 223 -14.50 12.91 2.56
N GLN A 224 -14.08 14.10 2.99
CA GLN A 224 -14.90 15.30 2.90
C GLN A 224 -14.89 15.95 1.51
N ASP A 225 -13.71 16.18 0.97
CA ASP A 225 -13.58 16.93 -0.28
C ASP A 225 -13.37 16.00 -1.48
N HIS A 226 -14.34 15.14 -1.79
CA HIS A 226 -14.16 14.22 -2.91
C HIS A 226 -14.30 14.91 -4.25
N VAL A 227 -14.06 16.22 -4.26
CA VAL A 227 -13.96 16.96 -5.50
C VAL A 227 -12.53 17.44 -5.69
N ARG A 228 -11.88 17.84 -4.59
CA ARG A 228 -10.49 18.27 -4.70
C ARG A 228 -9.52 17.08 -4.78
N ILE A 229 -9.95 15.94 -4.24
CA ILE A 229 -9.19 14.70 -4.31
C ILE A 229 -9.38 14.06 -5.67
N GLU A 230 -10.59 14.14 -6.21
CA GLU A 230 -10.83 13.72 -7.59
C GLU A 230 -9.89 14.49 -8.51
N ALA A 231 -9.70 15.77 -8.22
CA ALA A 231 -8.81 16.60 -9.04
C ALA A 231 -7.38 16.08 -9.01
N LEU A 232 -6.87 15.82 -7.81
CA LEU A 232 -5.51 15.33 -7.63
C LEU A 232 -5.33 13.97 -8.30
N GLN A 233 -6.30 13.09 -8.13
CA GLN A 233 -6.24 11.77 -8.75
C GLN A 233 -6.20 11.86 -10.27
N ASP A 234 -7.20 12.53 -10.86
CA ASP A 234 -7.28 12.74 -12.31
C ASP A 234 -5.95 13.19 -12.92
N ARG A 235 -5.40 14.24 -12.34
CA ARG A 235 -4.08 14.73 -12.71
C ARG A 235 -3.05 13.60 -12.72
N LEU A 236 -3.11 12.70 -11.75
CA LEU A 236 -2.13 11.60 -11.68
C LEU A 236 -2.40 10.52 -12.74
N CYS A 237 -3.67 10.16 -12.92
CA CYS A 237 -4.04 9.28 -14.02
C CYS A 237 -3.66 9.89 -15.37
N ASP A 238 -3.68 11.21 -15.46
CA ASP A 238 -3.29 11.88 -16.70
C ASP A 238 -1.84 11.61 -16.96
N VAL A 239 -1.04 11.74 -15.89
CA VAL A 239 0.39 11.54 -15.98
C VAL A 239 0.60 10.10 -16.33
N LEU A 240 -0.08 9.24 -15.60
CA LEU A 240 0.10 7.81 -15.79
C LEU A 240 -0.14 7.44 -17.24
N GLN A 241 -1.30 7.82 -17.74
CA GLN A 241 -1.75 7.45 -19.08
C GLN A 241 -0.84 7.96 -20.20
N ALA A 242 -0.36 9.19 -20.06
CA ALA A 242 0.62 9.73 -21.00
C ALA A 242 1.91 8.93 -20.92
N TYR A 243 2.41 8.73 -19.71
CA TYR A 243 3.69 8.04 -19.51
C TYR A 243 3.74 6.71 -20.27
N ILE A 244 2.73 5.87 -20.08
CA ILE A 244 2.63 4.61 -20.80
C ILE A 244 2.64 4.81 -22.32
N ARG A 245 1.78 5.71 -22.79
CA ARG A 245 1.64 6.02 -24.20
C ARG A 245 3.00 6.42 -24.77
N ILE A 246 3.59 7.45 -24.17
CA ILE A 246 4.81 8.05 -24.68
C ILE A 246 6.04 7.21 -24.40
N GLN A 247 6.09 6.54 -23.25
CA GLN A 247 7.32 5.89 -22.81
C GLN A 247 7.31 4.37 -22.61
N HIS A 248 6.21 3.69 -22.91
CA HIS A 248 6.16 2.25 -22.66
C HIS A 248 5.77 1.42 -23.87
N PRO A 249 6.77 0.99 -24.66
CA PRO A 249 6.40 0.23 -25.85
C PRO A 249 5.64 -1.04 -25.45
N GLY A 250 4.62 -1.38 -26.22
CA GLY A 250 3.83 -2.56 -25.95
C GLY A 250 2.82 -2.38 -24.83
N GLY A 251 2.53 -1.14 -24.47
CA GLY A 251 1.59 -0.88 -23.39
C GLY A 251 0.36 -0.12 -23.83
N ARG A 252 -0.29 -0.58 -24.90
CA ARG A 252 -1.47 0.11 -25.38
C ARG A 252 -2.65 -0.31 -24.51
N LEU A 253 -2.45 -1.39 -23.76
CA LEU A 253 -3.52 -2.01 -23.00
C LEU A 253 -3.29 -1.92 -21.49
N LEU A 254 -2.16 -1.35 -21.09
CA LEU A 254 -1.70 -1.43 -19.71
C LEU A 254 -2.51 -0.61 -18.72
N TYR A 255 -2.73 0.66 -19.04
CA TYR A 255 -3.49 1.54 -18.17
C TYR A 255 -4.73 0.83 -17.64
N ALA A 256 -5.49 0.20 -18.54
CA ALA A 256 -6.70 -0.51 -18.14
C ALA A 256 -6.41 -1.71 -17.24
N LYS A 257 -5.33 -2.42 -17.53
CA LYS A 257 -4.94 -3.54 -16.70
C LYS A 257 -4.64 -3.02 -15.30
N MET A 258 -3.89 -1.93 -15.22
CA MET A 258 -3.60 -1.32 -13.93
C MET A 258 -4.88 -0.88 -13.23
N ILE A 259 -5.73 -0.15 -13.94
CA ILE A 259 -6.97 0.33 -13.33
C ILE A 259 -7.79 -0.82 -12.76
N GLN A 260 -7.92 -1.89 -13.54
CA GLN A 260 -8.44 -3.15 -13.02
C GLN A 260 -7.77 -3.58 -11.69
N LYS A 261 -6.45 -3.41 -11.58
CA LYS A 261 -5.77 -3.70 -10.29
C LYS A 261 -6.26 -2.85 -9.11
N LEU A 262 -6.63 -1.59 -9.35
CA LEU A 262 -7.21 -0.76 -8.29
C LEU A 262 -8.50 -1.36 -7.70
N ALA A 263 -9.31 -1.96 -8.57
CA ALA A 263 -10.55 -2.63 -8.21
C ALA A 263 -10.30 -3.98 -7.55
N ASP A 264 -9.33 -4.72 -8.08
CA ASP A 264 -8.80 -5.88 -7.39
C ASP A 264 -8.52 -5.51 -5.92
N LEU A 265 -7.74 -4.45 -5.72
CA LEU A 265 -7.34 -4.04 -4.40
C LEU A 265 -8.52 -3.83 -3.46
N ARG A 266 -9.54 -3.09 -3.92
CA ARG A 266 -10.75 -2.84 -3.12
C ARG A 266 -11.26 -4.10 -2.46
N SER A 267 -11.32 -5.17 -3.24
CA SER A 267 -11.82 -6.45 -2.74
C SER A 267 -10.88 -7.10 -1.73
N LEU A 268 -9.58 -6.99 -2.00
CA LEU A 268 -8.57 -7.50 -1.11
C LEU A 268 -8.70 -6.74 0.19
N ASN A 269 -8.97 -5.44 0.05
CA ASN A 269 -9.14 -4.55 1.18
C ASN A 269 -10.29 -5.05 2.05
N GLU A 270 -11.42 -5.31 1.39
CA GLU A 270 -12.61 -5.80 2.02
C GLU A 270 -12.26 -7.03 2.84
N GLU A 271 -11.60 -7.97 2.19
CA GLU A 271 -11.27 -9.25 2.80
C GLU A 271 -10.36 -9.10 4.01
N HIS A 272 -9.37 -8.23 3.90
CA HIS A 272 -8.47 -7.95 5.01
C HIS A 272 -9.25 -7.43 6.21
N SER A 273 -10.17 -6.51 5.96
CA SER A 273 -10.96 -5.93 7.03
C SER A 273 -11.76 -7.00 7.77
N LYS A 274 -12.29 -7.96 7.02
CA LYS A 274 -13.05 -9.01 7.66
C LYS A 274 -12.17 -9.89 8.56
N GLN A 275 -11.00 -10.26 8.09
CA GLN A 275 -10.13 -11.06 8.93
C GLN A 275 -9.59 -10.20 10.06
N TYR A 276 -9.17 -8.98 9.74
CA TYR A 276 -8.65 -8.08 10.77
C TYR A 276 -9.66 -7.85 11.88
N ARG A 277 -10.93 -7.75 11.53
CA ARG A 277 -11.98 -7.58 12.52
C ARG A 277 -11.98 -8.81 13.42
N SER A 278 -11.89 -9.98 12.82
CA SER A 278 -11.81 -11.21 13.58
C SER A 278 -10.70 -11.19 14.62
N LEU A 279 -9.46 -10.94 14.21
CA LEU A 279 -8.40 -10.88 15.18
C LEU A 279 -8.58 -9.74 16.19
N SER A 280 -8.98 -8.56 15.71
CA SER A 280 -9.01 -7.38 16.57
C SER A 280 -10.02 -7.48 17.69
N PHE A 281 -10.90 -8.47 17.61
CA PHE A 281 -11.94 -8.63 18.62
C PHE A 281 -11.58 -9.60 19.74
N GLN A 282 -10.51 -10.38 19.53
CA GLN A 282 -10.00 -11.29 20.55
C GLN A 282 -8.76 -10.69 21.20
N PRO A 283 -8.92 -10.11 22.39
CA PRO A 283 -7.85 -9.36 23.07
C PRO A 283 -6.49 -10.07 23.06
N GLU A 284 -6.48 -11.40 23.18
CA GLU A 284 -5.22 -12.13 23.14
C GLU A 284 -4.53 -12.00 21.78
N HIS A 285 -5.30 -11.58 20.77
CA HIS A 285 -4.72 -11.31 19.46
C HIS A 285 -4.49 -9.83 19.28
N SER A 286 -5.50 -9.02 19.58
CA SER A 286 -5.34 -7.58 19.40
C SER A 286 -4.09 -7.12 20.15
N MET A 287 -3.85 -7.71 21.32
CA MET A 287 -2.70 -7.32 22.15
C MET A 287 -1.35 -7.46 21.43
N GLN A 288 -1.28 -8.31 20.42
CA GLN A 288 -0.03 -8.47 19.69
C GLN A 288 0.19 -7.41 18.60
N LEU A 289 -0.86 -6.67 18.25
CA LEU A 289 -0.70 -5.62 17.26
C LEU A 289 0.09 -4.44 17.84
N THR A 290 0.27 -3.41 17.03
CA THR A 290 0.89 -2.18 17.48
C THR A 290 -0.17 -1.11 17.58
N PRO A 291 0.11 -0.05 18.35
CA PRO A 291 -0.79 1.11 18.49
C PRO A 291 -1.16 1.70 17.12
N LEU A 292 -0.19 1.82 16.23
CA LEU A 292 -0.42 2.30 14.86
C LEU A 292 -1.41 1.42 14.10
N VAL A 293 -1.14 0.12 14.06
CA VAL A 293 -2.07 -0.79 13.40
C VAL A 293 -3.46 -0.64 13.98
N LEU A 294 -3.56 -0.71 15.30
CA LEU A 294 -4.88 -0.58 15.93
C LEU A 294 -5.59 0.71 15.52
N GLU A 295 -4.83 1.78 15.30
CA GLU A 295 -5.41 3.09 15.04
C GLU A 295 -5.83 3.20 13.57
N VAL A 296 -4.90 2.89 12.68
CA VAL A 296 -5.16 2.87 11.25
C VAL A 296 -6.32 1.93 10.87
N PHE A 297 -6.30 0.71 11.40
CA PHE A 297 -7.26 -0.30 10.99
C PHE A 297 -8.49 -0.29 11.85
N GLY A 298 -8.48 0.59 12.85
CA GLY A 298 -9.57 0.69 13.79
C GLY A 298 -10.71 1.48 13.19
N SER A 299 -11.88 1.35 13.79
CA SER A 299 -13.10 1.93 13.26
C SER A 299 -13.49 3.24 13.92
N GLU A 300 -12.64 3.73 14.84
CA GLU A 300 -12.90 5.04 15.42
C GLU A 300 -13.06 6.04 14.29
N VAL A 301 -13.83 7.10 14.55
CA VAL A 301 -14.25 7.99 13.50
C VAL A 301 -13.91 9.45 13.80
N SER A 302 -13.19 10.09 12.88
CA SER A 302 -12.94 11.54 12.96
C SER A 302 -14.27 12.29 13.02
N LYS B 1 -8.86 11.65 18.97
CA LYS B 1 -9.03 10.59 17.99
C LYS B 1 -7.91 10.64 16.95
N HIS B 2 -7.23 9.50 16.78
CA HIS B 2 -6.15 9.37 15.79
C HIS B 2 -4.89 10.13 16.21
N LYS B 3 -4.55 9.97 17.49
CA LYS B 3 -3.36 10.52 18.10
C LYS B 3 -2.17 10.41 17.17
N ILE B 4 -1.80 9.18 16.85
CA ILE B 4 -0.56 8.91 16.14
C ILE B 4 -0.57 9.30 14.65
N LEU B 5 -1.65 8.97 13.92
CA LEU B 5 -1.72 9.36 12.51
C LEU B 5 -1.48 10.86 12.39
N HIS B 6 -2.14 11.63 13.26
CA HIS B 6 -1.98 13.08 13.33
C HIS B 6 -0.54 13.48 13.53
N ARG B 7 0.08 12.88 14.54
CA ARG B 7 1.47 13.20 14.83
C ARG B 7 2.35 12.92 13.62
N LEU B 8 2.18 11.74 13.02
CA LEU B 8 3.02 11.34 11.89
C LEU B 8 2.70 12.11 10.61
N LEU B 9 1.69 12.96 10.67
CA LEU B 9 1.27 13.73 9.52
C LEU B 9 1.76 15.18 9.60
N GLN B 10 2.29 15.57 10.75
CA GLN B 10 2.81 16.93 10.94
C GLN B 10 4.15 17.15 10.23
#